data_4CCZ
#
_entry.id   4CCZ
#
_cell.length_a   166.803
_cell.length_b   166.803
_cell.length_c   166.803
_cell.angle_alpha   90.00
_cell.angle_beta   90.00
_cell.angle_gamma   90.00
#
_symmetry.space_group_name_H-M   'I 2 3'
#
loop_
_entity.id
_entity.type
_entity.pdbx_description
1 polymer 'METHIONINE SYNTHASE'
2 non-polymer (6S)-5,6,7,8-TETRAHYDROFOLATE
3 water water
#
_entity_poly.entity_id   1
_entity_poly.type   'polypeptide(L)'
_entity_poly.pdbx_seq_one_letter_code
;SMKTLRDEINAILQKRIMVLDGGMGTMIQREKLNEEHFRGQEFKDHARPLKGNNDILSITQPDVIYQIHKEYLLAGADII
ETNTFSSTSIAQADYGLEHLAYRMNMCSAGVARKAAEEVTLQTGIKRFVAGALGPTNKTLSVSPSVERPDYRNITFDELV
EAYQEQAKGLLDGGVDILLIETIFDTANAKAALFALQNLFEEKYAPRPIFISGTIVDKSGRTLSGQTGEGFVISVSHGEP
LCIGLNCALGAAEMRPFIEIIGKCTTAYVLCYPNAGLPNTFGDYDETPSMMAKHLKDFAMDGLVNIVGGCCGSTPDHIRE
IAEAVKNCKPRVPPATAFEGHMLLSGLEPFRIGPYTNFVNIGERCNVAGSRKFAKLIMAGNYEEALCVAKVQVEMGAQVL
DVNMDDGMLDGPSAMTRFCNLIASEPDIAKVPLCIDSSNFAVIEAGLKCCQGKCIVNSISLKEGEDDFLEKARKIKKYGA
AMVVMAFDEEGQATETDTKIRVCTRAYHLLVKKLGFNPNDIIFDPNILTIGTGMEEHNLYAINFIHATKVIKETLPGARI
SGGLSNLSFSFRGMEAIREAMHGVFLYHAIKSGMDMGIVNAGNLPVYDDIHKELLQLCEDLIWNKDPEATEKLLRYAQTQ
GTGG
;
_entity_poly.pdbx_strand_id   A
#
# COMPACT_ATOMS: atom_id res chain seq x y z
N THR A 4 -4.76 -11.15 25.34
CA THR A 4 -3.71 -11.01 24.29
C THR A 4 -2.62 -10.02 24.70
N LEU A 5 -1.48 -10.11 24.04
CA LEU A 5 -0.36 -9.19 24.29
C LEU A 5 -0.70 -7.75 23.87
N ARG A 6 -1.61 -7.60 22.91
CA ARG A 6 -2.07 -6.29 22.45
C ARG A 6 -2.76 -5.51 23.57
N ASP A 7 -3.57 -6.20 24.36
CA ASP A 7 -4.24 -5.58 25.51
C ASP A 7 -3.20 -5.02 26.48
N GLU A 8 -2.30 -5.88 26.94
CA GLU A 8 -1.23 -5.49 27.87
C GLU A 8 -0.33 -4.41 27.27
N ILE A 9 -0.09 -4.49 25.96
CA ILE A 9 0.74 -3.50 25.26
C ILE A 9 0.05 -2.13 25.25
N ASN A 10 -1.15 -2.08 24.67
CA ASN A 10 -1.95 -0.85 24.61
C ASN A 10 -2.18 -0.24 26.00
N ALA A 11 -2.39 -1.10 26.99
CA ALA A 11 -2.58 -0.68 28.38
C ALA A 11 -1.43 0.18 28.87
N ILE A 12 -0.21 -0.37 28.84
CA ILE A 12 0.97 0.36 29.30
C ILE A 12 1.20 1.65 28.50
N LEU A 13 0.95 1.58 27.20
CA LEU A 13 1.15 2.73 26.31
C LEU A 13 0.19 3.89 26.61
N GLN A 14 -1.05 3.55 26.96
CA GLN A 14 -2.05 4.58 27.31
C GLN A 14 -1.66 5.34 28.58
N LYS A 15 -0.85 4.72 29.43
CA LYS A 15 -0.40 5.32 30.69
C LYS A 15 0.99 5.95 30.59
N ARG A 16 1.95 5.21 30.04
CA ARG A 16 3.34 5.65 29.99
C ARG A 16 3.98 5.41 28.62
N ILE A 17 4.93 6.27 28.25
CA ILE A 17 5.62 6.14 26.97
C ILE A 17 6.74 5.10 27.09
N MET A 18 6.57 3.97 26.41
CA MET A 18 7.56 2.88 26.46
C MET A 18 8.90 3.27 25.80
N VAL A 19 9.93 2.49 26.11
CA VAL A 19 11.26 2.71 25.55
C VAL A 19 11.70 1.48 24.77
N LEU A 20 12.28 1.70 23.59
CA LEU A 20 12.88 0.64 22.78
C LEU A 20 14.40 0.77 22.89
N ASP A 21 15.10 -0.36 22.86
CA ASP A 21 16.56 -0.36 23.05
C ASP A 21 17.30 0.29 21.86
N GLY A 22 18.54 0.70 22.12
CA GLY A 22 19.40 1.24 21.08
C GLY A 22 19.89 0.18 20.12
N GLY A 23 20.60 0.60 19.08
CA GLY A 23 21.16 -0.33 18.09
C GLY A 23 22.28 -1.16 18.68
N MET A 24 22.20 -2.48 18.49
CA MET A 24 23.20 -3.41 19.05
C MET A 24 24.55 -3.29 18.34
N GLY A 25 24.53 -2.96 17.05
CA GLY A 25 25.75 -2.84 16.24
C GLY A 25 26.81 -1.98 16.88
N THR A 26 26.40 -0.87 17.47
CA THR A 26 27.30 0.06 18.16
C THR A 26 28.03 -0.62 19.32
N MET A 27 27.31 -1.44 20.07
CA MET A 27 27.88 -2.16 21.21
C MET A 27 28.81 -3.29 20.75
N ILE A 28 28.39 -4.07 19.77
CA ILE A 28 29.22 -5.14 19.20
C ILE A 28 30.51 -4.59 18.62
N GLN A 29 30.42 -3.46 17.91
CA GLN A 29 31.61 -2.77 17.42
C GLN A 29 32.55 -2.43 18.59
N ARG A 30 31.96 -1.96 19.69
CA ARG A 30 32.72 -1.66 20.91
C ARG A 30 33.33 -2.92 21.53
N GLU A 31 32.67 -4.06 21.36
CA GLU A 31 33.16 -5.35 21.88
C GLU A 31 34.49 -5.76 21.26
N LYS A 32 34.77 -5.28 20.05
CA LYS A 32 36.03 -5.57 19.34
C LYS A 32 36.23 -7.08 19.22
N LEU A 33 35.40 -7.72 18.40
CA LEU A 33 35.34 -9.17 18.28
C LEU A 33 36.73 -9.81 18.15
N GLU A 35 37.22 -9.67 15.53
CA GLU A 35 38.07 -10.71 14.98
C GLU A 35 37.25 -11.83 14.35
N GLU A 36 37.60 -12.18 13.11
CA GLU A 36 36.99 -13.30 12.37
C GLU A 36 36.89 -14.58 13.21
N HIS A 37 37.97 -14.88 13.93
CA HIS A 37 38.06 -16.10 14.74
C HIS A 37 36.86 -16.27 15.68
N PHE A 38 36.37 -15.15 16.22
CA PHE A 38 35.30 -15.17 17.23
C PHE A 38 33.89 -15.46 16.70
N ARG A 39 33.76 -15.93 15.46
CA ARG A 39 32.54 -16.57 14.96
C ARG A 39 32.90 -17.83 14.17
N GLY A 40 32.99 -19.00 14.84
CA GLY A 40 32.97 -19.10 16.29
C GLY A 40 33.63 -20.39 16.72
N GLN A 41 32.90 -21.21 17.47
CA GLN A 41 33.31 -22.58 17.74
C GLN A 41 32.61 -23.51 16.76
N GLU A 42 31.29 -23.38 16.69
CA GLU A 42 30.43 -24.25 15.86
C GLU A 42 30.90 -24.37 14.41
N PHE A 43 31.24 -23.24 13.80
CA PHE A 43 31.59 -23.21 12.38
C PHE A 43 33.04 -23.64 12.14
N LYS A 44 33.99 -22.82 12.58
CA LYS A 44 35.42 -23.18 12.58
C LYS A 44 36.04 -23.32 11.20
N ASP A 45 35.44 -24.17 10.35
CA ASP A 45 35.93 -24.44 9.01
C ASP A 45 34.95 -23.94 7.93
N HIS A 46 34.36 -22.78 8.16
CA HIS A 46 33.41 -22.19 7.22
C HIS A 46 34.17 -21.53 6.07
N ALA A 47 33.70 -21.76 4.84
CA ALA A 47 34.41 -21.34 3.63
C ALA A 47 34.25 -19.84 3.33
N ARG A 48 33.28 -19.21 3.97
CA ARG A 48 33.05 -17.78 3.80
C ARG A 48 33.41 -17.04 5.08
N PRO A 49 33.95 -15.81 4.96
CA PRO A 49 34.23 -15.01 6.15
C PRO A 49 32.94 -14.54 6.83
N LEU A 50 32.90 -14.66 8.16
CA LEU A 50 31.74 -14.29 8.96
C LEU A 50 31.89 -12.93 9.65
N LYS A 51 33.11 -12.42 9.75
CA LYS A 51 33.37 -11.13 10.41
C LYS A 51 32.41 -10.08 9.88
N GLY A 52 31.76 -9.37 10.80
CA GLY A 52 30.80 -8.33 10.45
C GLY A 52 29.36 -8.81 10.45
N ASN A 53 29.16 -10.13 10.44
CA ASN A 53 27.81 -10.70 10.49
C ASN A 53 27.34 -10.79 11.93
N ASN A 54 26.91 -9.66 12.48
CA ASN A 54 26.47 -9.57 13.88
C ASN A 54 25.39 -10.59 14.26
N ASP A 55 24.58 -10.95 13.27
CA ASP A 55 23.47 -11.89 13.43
C ASP A 55 23.84 -13.28 13.96
N ILE A 56 24.99 -13.81 13.55
CA ILE A 56 25.39 -15.16 13.93
C ILE A 56 25.96 -15.23 15.36
N LEU A 57 26.25 -14.06 15.94
CA LEU A 57 26.76 -13.99 17.31
C LEU A 57 25.78 -14.53 18.34
N SER A 58 24.48 -14.52 18.01
CA SER A 58 23.47 -15.18 18.84
C SER A 58 23.82 -16.64 19.09
N ILE A 59 24.46 -17.28 18.11
CA ILE A 59 24.92 -18.66 18.21
C ILE A 59 26.36 -18.77 18.71
N THR A 60 27.26 -18.03 18.07
CA THR A 60 28.70 -18.19 18.28
C THR A 60 29.27 -17.39 19.45
N GLN A 61 28.50 -16.41 19.95
CA GLN A 61 28.92 -15.59 21.08
C GLN A 61 27.71 -15.15 21.91
N PRO A 62 26.91 -16.12 22.39
CA PRO A 62 25.62 -15.81 23.03
C PRO A 62 25.74 -14.93 24.28
N ASP A 63 26.69 -15.25 25.16
CA ASP A 63 26.88 -14.48 26.40
C ASP A 63 27.09 -12.99 26.12
N VAL A 64 27.83 -12.69 25.05
CA VAL A 64 28.10 -11.31 24.65
C VAL A 64 26.80 -10.59 24.33
N ILE A 65 25.98 -11.21 23.48
CA ILE A 65 24.70 -10.61 23.06
C ILE A 65 23.75 -10.46 24.26
N TYR A 66 23.67 -11.50 25.09
CA TYR A 66 22.86 -11.50 26.31
C TYR A 66 23.19 -10.31 27.21
N GLN A 67 24.48 -10.07 27.41
CA GLN A 67 24.95 -8.95 28.24
C GLN A 67 24.62 -7.60 27.61
N ILE A 68 24.63 -7.53 26.28
CA ILE A 68 24.22 -6.32 25.57
C ILE A 68 22.77 -6.00 25.89
N HIS A 69 21.91 -7.01 25.82
CA HIS A 69 20.49 -6.85 26.15
C HIS A 69 20.29 -6.40 27.59
N LYS A 70 20.97 -7.06 28.52
CA LYS A 70 20.86 -6.75 29.95
C LYS A 70 21.11 -5.27 30.21
N GLU A 71 22.24 -4.75 29.70
CA GLU A 71 22.59 -3.34 29.88
C GLU A 71 21.46 -2.40 29.50
N TYR A 72 20.81 -2.67 28.38
CA TYR A 72 19.69 -1.86 27.91
C TYR A 72 18.47 -2.03 28.81
N LEU A 73 18.13 -3.27 29.15
CA LEU A 73 16.97 -3.57 29.98
C LEU A 73 17.04 -2.88 31.34
N LEU A 74 18.22 -2.90 31.95
CA LEU A 74 18.45 -2.20 33.21
C LEU A 74 18.49 -0.68 33.01
N ALA A 75 19.05 -0.25 31.88
CA ALA A 75 19.10 1.18 31.53
C ALA A 75 17.75 1.65 31.01
N ASP A 78 11.24 -0.40 28.71
CA ASP A 78 12.21 -1.13 27.90
C ASP A 78 11.54 -2.14 26.97
N ILE A 79 11.98 -2.15 25.72
CA ILE A 79 11.62 -3.19 24.76
C ILE A 79 12.93 -3.60 24.08
N ILE A 80 13.14 -4.91 23.93
CA ILE A 80 14.39 -5.44 23.38
C ILE A 80 14.21 -5.97 21.95
N GLU A 81 15.00 -5.45 21.01
CA GLU A 81 15.02 -5.95 19.64
C GLU A 81 15.81 -7.24 19.59
N THR A 82 15.35 -8.21 18.81
CA THR A 82 16.15 -9.40 18.53
C THR A 82 17.29 -9.03 17.58
N ASN A 83 18.41 -9.72 17.73
CA ASN A 83 19.60 -9.48 16.91
C ASN A 83 19.42 -10.09 15.52
N THR A 84 18.39 -9.64 14.81
CA THR A 84 17.88 -10.35 13.64
C THR A 84 17.68 -9.43 12.44
N PHE A 85 18.52 -8.39 12.34
CA PHE A 85 18.37 -7.40 11.28
C PHE A 85 18.67 -7.96 9.89
N SER A 86 19.52 -8.97 9.83
CA SER A 86 19.90 -9.61 8.57
C SER A 86 19.65 -11.11 8.58
N SER A 87 18.72 -11.57 9.42
CA SER A 87 18.45 -13.02 9.57
C SER A 87 17.37 -13.50 8.60
N THR A 88 17.65 -13.35 7.31
CA THR A 88 16.79 -13.86 6.24
C THR A 88 17.65 -14.70 5.29
N SER A 89 17.00 -15.54 4.48
CA SER A 89 17.68 -16.24 3.39
C SER A 89 18.48 -15.27 2.52
N ILE A 90 17.83 -14.20 2.07
CA ILE A 90 18.45 -13.26 1.15
C ILE A 90 19.77 -12.73 1.73
N ALA A 91 19.70 -12.10 2.90
CA ALA A 91 20.86 -11.44 3.51
C ALA A 91 21.99 -12.39 3.92
N GLN A 92 21.65 -13.60 4.36
CA GLN A 92 22.66 -14.54 4.84
C GLN A 92 23.39 -15.28 3.71
N ALA A 93 22.87 -15.19 2.49
CA ALA A 93 23.54 -15.74 1.31
C ALA A 93 24.95 -15.19 1.13
N ASP A 94 25.16 -13.94 1.52
CA ASP A 94 26.49 -13.32 1.47
C ASP A 94 27.50 -13.95 2.45
N TYR A 95 27.01 -14.76 3.40
CA TYR A 95 27.88 -15.50 4.33
C TYR A 95 27.73 -17.02 4.22
N GLY A 96 27.03 -17.50 3.20
CA GLY A 96 26.82 -18.94 3.00
C GLY A 96 25.99 -19.59 4.09
N LEU A 97 25.01 -18.85 4.62
CA LEU A 97 24.13 -19.34 5.69
C LEU A 97 22.66 -19.15 5.33
N GLU A 98 22.33 -19.30 4.05
CA GLU A 98 20.95 -19.21 3.58
C GLU A 98 20.08 -20.17 4.38
N HIS A 99 20.56 -21.40 4.46
CA HIS A 99 19.84 -22.51 5.08
C HIS A 99 19.60 -22.37 6.58
N LEU A 100 20.21 -21.36 7.21
CA LEU A 100 20.25 -21.25 8.68
C LEU A 100 19.31 -20.19 9.25
N ALA A 101 18.49 -19.56 8.40
CA ALA A 101 17.69 -18.40 8.80
C ALA A 101 16.78 -18.67 9.99
N TYR A 102 15.99 -19.74 9.89
CA TYR A 102 15.01 -20.07 10.93
C TYR A 102 15.68 -20.21 12.29
N ARG A 103 16.77 -20.97 12.34
CA ARG A 103 17.49 -21.23 13.58
C ARG A 103 18.13 -19.98 14.17
N MET A 104 18.62 -19.08 13.31
CA MET A 104 19.26 -17.85 13.78
C MET A 104 18.24 -16.98 14.54
N ASN A 105 17.06 -16.82 13.96
CA ASN A 105 15.96 -16.10 14.59
C ASN A 105 15.49 -16.76 15.88
N MET A 106 15.40 -18.09 15.84
CA MET A 106 15.01 -18.88 17.00
C MET A 106 15.97 -18.61 18.16
N CYS A 107 17.27 -18.74 17.89
CA CYS A 107 18.30 -18.48 18.90
C CYS A 107 18.33 -17.02 19.30
N SER A 108 18.20 -16.13 18.33
CA SER A 108 18.22 -14.69 18.59
C SER A 108 17.06 -14.29 19.49
N ALA A 109 15.92 -14.97 19.32
CA ALA A 109 14.74 -14.72 20.15
C ALA A 109 14.86 -15.34 21.54
N GLY A 110 15.60 -16.44 21.64
CA GLY A 110 15.81 -17.10 22.92
C GLY A 110 16.74 -16.32 23.84
N VAL A 111 17.86 -15.88 23.29
CA VAL A 111 18.86 -15.12 24.04
C VAL A 111 18.28 -13.79 24.53
N ALA A 112 17.41 -13.19 23.71
CA ALA A 112 16.71 -11.96 24.09
C ALA A 112 15.63 -12.23 25.13
N ARG A 113 14.95 -13.37 25.02
CA ARG A 113 13.87 -13.73 25.96
C ARG A 113 14.41 -14.09 27.35
N LYS A 114 15.63 -14.65 27.39
CA LYS A 114 16.29 -14.98 28.65
C LYS A 114 16.67 -13.73 29.42
N ALA A 115 17.11 -12.70 28.69
CA ALA A 115 17.47 -11.42 29.29
C ALA A 115 16.25 -10.67 29.79
N ALA A 116 15.20 -10.64 28.96
CA ALA A 116 13.95 -9.96 29.30
C ALA A 116 13.41 -10.40 30.65
N GLU A 117 13.44 -11.70 30.88
CA GLU A 117 12.86 -12.30 32.09
C GLU A 117 13.70 -12.09 33.34
N GLU A 118 15.02 -11.97 33.20
CA GLU A 118 15.90 -11.67 34.33
C GLU A 118 15.65 -10.25 34.83
N VAL A 119 15.57 -9.29 33.90
CA VAL A 119 15.25 -7.91 34.25
C VAL A 119 13.82 -7.79 34.78
N THR A 120 12.92 -8.62 34.28
CA THR A 120 11.56 -8.68 34.79
C THR A 120 11.53 -9.17 36.23
N LEU A 121 12.36 -10.16 36.54
CA LEU A 121 12.46 -10.70 37.89
C LEU A 121 13.12 -9.70 38.85
N GLN A 122 14.28 -9.16 38.45
CA GLN A 122 15.04 -8.24 39.29
C GLN A 122 14.37 -6.87 39.43
N THR A 123 13.94 -6.31 38.31
CA THR A 123 13.33 -4.96 38.31
C THR A 123 11.90 -4.97 38.82
N GLY A 124 11.12 -5.96 38.39
CA GLY A 124 9.71 -6.06 38.79
C GLY A 124 8.76 -5.75 37.64
N ILE A 125 9.12 -4.76 36.81
CA ILE A 125 8.32 -4.39 35.64
C ILE A 125 8.63 -5.31 34.46
N LYS A 126 7.60 -5.69 33.71
CA LYS A 126 7.74 -6.65 32.62
C LYS A 126 8.49 -6.06 31.41
N ARG A 127 9.26 -6.92 30.76
CA ARG A 127 10.00 -6.56 29.54
C ARG A 127 9.44 -7.32 28.33
N PHE A 128 9.64 -6.76 27.14
CA PHE A 128 9.08 -7.31 25.91
C PHE A 128 10.15 -7.58 24.86
N VAL A 129 9.97 -8.67 24.11
CA VAL A 129 10.90 -9.04 23.04
C VAL A 129 10.30 -8.66 21.69
N ALA A 130 11.00 -7.80 20.95
CA ALA A 130 10.59 -7.40 19.62
C ALA A 130 11.34 -8.23 18.57
N GLY A 131 10.59 -8.89 17.70
CA GLY A 131 11.18 -9.64 16.60
C GLY A 131 11.54 -8.72 15.44
N ALA A 132 12.83 -8.46 15.28
CA ALA A 132 13.29 -7.53 14.25
C ALA A 132 13.35 -8.21 12.88
N LEU A 133 12.53 -7.71 11.95
CA LEU A 133 12.66 -8.05 10.54
C LEU A 133 13.28 -6.86 9.81
N GLY A 134 14.34 -7.12 9.06
CA GLY A 134 15.08 -6.07 8.37
C GLY A 134 14.74 -6.00 6.90
N PRO A 135 15.35 -5.04 6.19
CA PRO A 135 14.93 -4.73 4.82
C PRO A 135 15.59 -5.61 3.73
N THR A 136 16.73 -6.23 4.07
CA THR A 136 17.63 -6.83 3.08
C THR A 136 18.22 -5.73 2.17
N ASN A 137 19.20 -6.10 1.35
CA ASN A 137 19.77 -5.17 0.38
C ASN A 137 18.99 -5.11 -0.94
N LYS A 138 18.03 -6.03 -1.11
CA LYS A 138 17.19 -6.04 -2.31
C LYS A 138 16.09 -4.97 -2.23
N THR A 139 15.89 -4.27 -3.35
CA THR A 139 14.86 -3.23 -3.47
C THR A 139 13.87 -3.61 -4.57
N LEU A 140 12.65 -3.95 -4.17
CA LEU A 140 11.61 -4.40 -5.11
C LEU A 140 10.97 -3.25 -5.90
N SER A 141 11.14 -2.01 -5.43
CA SER A 141 10.58 -0.84 -6.10
C SER A 141 11.62 -0.05 -6.90
N VAL A 142 12.90 -0.39 -6.75
CA VAL A 142 13.98 0.30 -7.44
C VAL A 142 14.92 -0.67 -8.15
N SER A 143 15.21 -0.41 -9.42
CA SER A 143 16.14 -1.22 -10.21
C SER A 143 17.57 -1.04 -9.68
N PRO A 144 18.44 -2.06 -9.88
CA PRO A 144 19.85 -1.90 -9.53
C PRO A 144 20.61 -0.86 -10.37
N SER A 145 20.09 -0.54 -11.55
CA SER A 145 20.70 0.46 -12.42
C SER A 145 19.64 1.29 -13.17
N VAL A 146 20.02 2.49 -13.57
CA VAL A 146 19.16 3.34 -14.40
C VAL A 146 19.20 2.92 -15.88
N GLU A 147 20.15 2.06 -16.24
CA GLU A 147 20.25 1.52 -17.60
C GLU A 147 19.05 0.62 -17.95
N ARG A 148 18.74 -0.31 -17.05
CA ARG A 148 17.60 -1.22 -17.21
C ARG A 148 16.56 -0.95 -16.11
N PRO A 149 15.72 0.08 -16.30
CA PRO A 149 14.73 0.46 -15.28
C PRO A 149 13.53 -0.48 -15.14
N ASP A 150 13.36 -1.39 -16.09
CA ASP A 150 12.29 -2.40 -16.01
C ASP A 150 12.66 -3.56 -15.09
N TYR A 151 13.97 -3.78 -14.93
CA TYR A 151 14.52 -4.97 -14.29
C TYR A 151 14.50 -4.88 -12.75
N ARG A 152 14.39 -6.05 -12.10
CA ARG A 152 14.44 -6.15 -10.63
C ARG A 152 15.26 -7.36 -10.19
N ASN A 153 15.87 -7.25 -9.01
CA ASN A 153 16.73 -8.30 -8.46
C ASN A 153 15.90 -9.42 -7.81
N ILE A 154 15.04 -9.05 -6.86
CA ILE A 154 14.16 -9.99 -6.16
C ILE A 154 12.70 -9.78 -6.56
N THR A 155 11.87 -10.78 -6.26
CA THR A 155 10.43 -10.69 -6.48
C THR A 155 9.67 -10.69 -5.16
N PHE A 156 8.41 -10.25 -5.22
CA PHE A 156 7.51 -10.23 -4.06
C PHE A 156 7.46 -11.60 -3.37
N ASP A 157 7.22 -12.64 -4.15
CA ASP A 157 7.03 -13.98 -3.62
C ASP A 157 8.33 -14.53 -3.01
N GLU A 158 9.47 -14.18 -3.62
CA GLU A 158 10.77 -14.53 -3.07
C GLU A 158 11.00 -13.88 -1.71
N LEU A 159 10.58 -12.62 -1.58
CA LEU A 159 10.69 -11.89 -0.30
C LEU A 159 9.72 -12.41 0.74
N VAL A 160 8.49 -12.71 0.32
CA VAL A 160 7.51 -13.29 1.21
C VAL A 160 8.04 -14.60 1.81
N GLU A 161 8.53 -15.50 0.96
CA GLU A 161 9.08 -16.77 1.44
C GLU A 161 10.12 -16.55 2.55
N ALA A 162 11.08 -15.67 2.29
CA ALA A 162 12.17 -15.41 3.22
C ALA A 162 11.68 -14.83 4.54
N TYR A 163 10.87 -13.77 4.44
CA TYR A 163 10.27 -13.14 5.61
C TYR A 163 9.40 -14.10 6.41
N GLN A 164 8.70 -14.99 5.70
CA GLN A 164 7.84 -15.98 6.33
C GLN A 164 8.65 -16.91 7.22
N GLU A 165 9.83 -17.28 6.73
CA GLU A 165 10.72 -18.19 7.45
C GLU A 165 11.31 -17.53 8.68
N GLN A 166 11.81 -16.30 8.51
CA GLN A 166 12.27 -15.49 9.65
C GLN A 166 11.16 -15.34 10.68
N ALA A 167 9.95 -15.00 10.23
CA ALA A 167 8.80 -14.82 11.12
C ALA A 167 8.53 -16.07 11.96
N LYS A 168 8.45 -17.24 11.30
CA LYS A 168 8.24 -18.50 12.02
C LYS A 168 9.18 -18.59 13.20
N GLY A 169 10.48 -18.47 12.92
CA GLY A 169 11.51 -18.59 13.94
C GLY A 169 11.31 -17.67 15.12
N LEU A 170 11.00 -16.40 14.84
CA LEU A 170 10.81 -15.41 15.89
C LEU A 170 9.62 -15.78 16.77
N LEU A 171 8.49 -16.04 16.13
CA LEU A 171 7.25 -16.37 16.84
C LEU A 171 7.42 -17.63 17.67
N ASP A 172 7.99 -18.67 17.06
CA ASP A 172 8.34 -19.90 17.78
C ASP A 172 9.30 -19.58 18.92
N GLY A 173 10.24 -18.67 18.67
CA GLY A 173 11.16 -18.17 19.69
C GLY A 173 10.50 -17.32 20.77
N GLY A 174 9.22 -17.00 20.56
CA GLY A 174 8.39 -16.40 21.60
C GLY A 174 8.52 -14.89 21.73
N VAL A 175 8.49 -14.20 20.60
CA VAL A 175 8.54 -12.74 20.62
C VAL A 175 7.14 -12.21 20.86
N ASP A 176 7.08 -11.01 21.43
CA ASP A 176 5.81 -10.37 21.80
C ASP A 176 5.36 -9.34 20.78
N ILE A 177 6.28 -8.88 19.93
CA ILE A 177 5.97 -7.90 18.89
C ILE A 177 6.86 -8.14 17.68
N LEU A 178 6.26 -8.14 16.50
CA LEU A 178 7.01 -8.24 15.25
C LEU A 178 7.31 -6.85 14.74
N LEU A 179 8.58 -6.55 14.52
CA LEU A 179 9.05 -5.20 14.21
C LEU A 179 9.71 -5.15 12.82
N ILE A 180 8.95 -4.71 11.83
CA ILE A 180 9.47 -4.50 10.47
C ILE A 180 10.12 -3.13 10.45
N GLU A 181 11.45 -3.11 10.51
CA GLU A 181 12.19 -1.87 10.76
C GLU A 181 13.13 -1.48 9.64
N THR A 182 13.52 -0.21 9.65
CA THR A 182 14.50 0.33 8.70
C THR A 182 14.05 0.10 7.25
N ILE A 183 12.79 0.42 7.00
CA ILE A 183 12.17 0.13 5.71
C ILE A 183 12.63 1.17 4.69
N PHE A 184 13.66 0.82 3.92
CA PHE A 184 14.14 1.64 2.82
C PHE A 184 13.15 1.58 1.65
N ASP A 185 12.65 0.38 1.37
CA ASP A 185 11.68 0.15 0.31
C ASP A 185 10.39 -0.42 0.88
N THR A 186 9.27 0.23 0.57
CA THR A 186 7.99 -0.10 1.16
C THR A 186 7.40 -1.40 0.61
N ALA A 187 7.71 -1.73 -0.64
CA ALA A 187 7.23 -2.98 -1.23
C ALA A 187 7.80 -4.20 -0.47
N ASN A 188 9.04 -4.08 0.00
CA ASN A 188 9.59 -5.09 0.90
C ASN A 188 8.76 -5.26 2.17
N ALA A 189 8.37 -4.14 2.76
CA ALA A 189 7.59 -4.14 4.00
C ALA A 189 6.20 -4.72 3.77
N LYS A 190 5.66 -4.48 2.58
CA LYS A 190 4.37 -5.04 2.20
C LYS A 190 4.49 -6.54 2.01
N ALA A 191 5.64 -6.99 1.52
CA ALA A 191 5.95 -8.42 1.39
C ALA A 191 6.08 -9.06 2.77
N ALA A 192 6.75 -8.36 3.68
CA ALA A 192 6.84 -8.79 5.08
C ALA A 192 5.43 -8.88 5.69
N LEU A 193 4.61 -7.86 5.49
CA LEU A 193 3.24 -7.87 6.02
C LEU A 193 2.43 -9.04 5.44
N PHE A 194 2.67 -9.35 4.17
CA PHE A 194 1.99 -10.46 3.50
C PHE A 194 2.45 -11.80 4.08
N ALA A 195 3.73 -11.90 4.41
CA ALA A 195 4.26 -13.08 5.09
C ALA A 195 3.57 -13.27 6.43
N LEU A 196 3.43 -12.19 7.19
CA LEU A 196 2.81 -12.25 8.51
C LEU A 196 1.32 -12.64 8.45
N GLN A 197 0.60 -12.09 7.49
CA GLN A 197 -0.79 -12.47 7.26
C GLN A 197 -0.91 -13.95 6.87
N ASN A 198 0.04 -14.46 6.09
CA ASN A 198 0.06 -15.89 5.74
C ASN A 198 0.04 -16.76 6.99
N LEU A 199 0.93 -16.46 7.94
CA LEU A 199 1.06 -17.27 9.14
C LEU A 199 -0.15 -17.15 10.07
N PHE A 200 -0.67 -15.93 10.19
CA PHE A 200 -1.78 -15.66 11.09
C PHE A 200 -3.10 -16.28 10.60
N GLU A 201 -3.25 -16.39 9.29
CA GLU A 201 -4.50 -16.86 8.68
C GLU A 201 -4.93 -18.25 9.15
N GLU A 202 -3.98 -19.06 9.62
CA GLU A 202 -4.31 -20.40 10.14
C GLU A 202 -3.37 -20.88 11.24
N LYS A 203 -2.06 -20.82 11.01
CA LYS A 203 -1.08 -21.44 11.90
C LYS A 203 -0.90 -20.74 13.25
N TYR A 204 -0.73 -19.42 13.22
CA TYR A 204 -0.36 -18.66 14.42
C TYR A 204 -1.46 -17.72 14.91
N ALA A 205 -1.40 -17.41 16.21
CA ALA A 205 -2.22 -16.37 16.80
C ALA A 205 -1.46 -15.05 16.63
N PRO A 206 -2.14 -14.01 16.10
CA PRO A 206 -1.43 -12.80 15.71
C PRO A 206 -0.83 -12.04 16.88
N ARG A 207 0.42 -11.60 16.72
CA ARG A 207 1.06 -10.70 17.67
C ARG A 207 1.07 -9.30 17.05
N PRO A 208 1.19 -8.26 17.88
CA PRO A 208 1.18 -6.90 17.34
C PRO A 208 2.37 -6.60 16.44
N ILE A 209 2.14 -5.79 15.42
CA ILE A 209 3.15 -5.42 14.45
C ILE A 209 3.56 -3.98 14.65
N PHE A 210 4.86 -3.74 14.83
CA PHE A 210 5.45 -2.40 14.80
C PHE A 210 6.10 -2.23 13.42
N ILE A 211 5.91 -1.06 12.82
CA ILE A 211 6.46 -0.76 11.48
C ILE A 211 7.19 0.58 11.50
N SER A 212 8.48 0.57 11.24
CA SER A 212 9.26 1.80 11.25
C SER A 212 9.87 2.07 9.88
N GLY A 213 9.55 3.23 9.32
CA GLY A 213 10.13 3.66 8.04
C GLY A 213 11.50 4.27 8.23
N THR A 214 12.10 4.72 7.13
CA THR A 214 13.39 5.40 7.18
C THR A 214 13.45 6.50 6.13
N ILE A 215 13.36 7.75 6.58
CA ILE A 215 13.50 8.92 5.73
C ILE A 215 14.99 9.21 5.57
N VAL A 216 15.40 9.57 4.36
CA VAL A 216 16.82 9.76 4.05
C VAL A 216 17.27 11.23 4.09
N ASP A 217 16.40 12.13 3.63
CA ASP A 217 16.79 13.54 3.44
C ASP A 217 15.82 14.49 4.13
N LYS A 218 16.12 15.79 4.02
CA LYS A 218 15.22 16.84 4.51
C LYS A 218 14.02 17.00 3.59
N SER A 219 14.02 16.29 2.47
CA SER A 219 12.87 16.22 1.56
C SER A 219 11.69 15.50 2.21
N GLY A 220 11.99 14.58 3.12
CA GLY A 220 10.97 13.82 3.83
C GLY A 220 10.55 12.57 3.10
N ARG A 221 11.47 11.98 2.34
CA ARG A 221 11.16 10.84 1.49
C ARG A 221 12.01 9.61 1.80
N THR A 222 11.43 8.43 1.62
CA THR A 222 12.13 7.16 1.77
C THR A 222 13.11 6.97 0.60
N LEU A 223 13.89 5.89 0.65
CA LEU A 223 14.82 5.55 -0.42
C LEU A 223 14.06 5.26 -1.70
N SER A 224 12.90 4.65 -1.53
CA SER A 224 12.01 4.33 -2.65
C SER A 224 11.17 5.54 -3.08
N GLY A 225 11.52 6.74 -2.61
CA GLY A 225 10.90 7.98 -3.06
C GLY A 225 9.57 8.35 -2.40
N GLN A 226 9.13 7.57 -1.42
CA GLN A 226 7.80 7.73 -0.82
C GLN A 226 7.81 8.66 0.39
N THR A 227 6.76 9.47 0.54
CA THR A 227 6.64 10.36 1.72
C THR A 227 6.01 9.63 2.89
N GLY A 228 6.24 10.14 4.10
CA GLY A 228 5.72 9.54 5.31
C GLY A 228 4.22 9.26 5.25
N GLU A 229 3.47 10.26 4.84
CA GLU A 229 2.02 10.12 4.70
C GLU A 229 1.68 9.00 3.72
N GLY A 230 2.36 9.00 2.57
CA GLY A 230 2.18 7.92 1.58
C GLY A 230 2.57 6.57 2.13
N PHE A 231 3.66 6.56 2.91
CA PHE A 231 4.15 5.35 3.56
C PHE A 231 3.11 4.70 4.51
N VAL A 232 2.48 5.50 5.37
CA VAL A 232 1.51 4.95 6.34
C VAL A 232 0.28 4.36 5.64
N ILE A 233 -0.15 5.02 4.58
CA ILE A 233 -1.27 4.53 3.77
C ILE A 233 -0.91 3.19 3.13
N SER A 234 0.32 3.08 2.65
CA SER A 234 0.79 1.88 1.98
C SER A 234 0.91 0.66 2.89
N VAL A 235 0.94 0.88 4.22
CA VAL A 235 1.06 -0.22 5.19
C VAL A 235 -0.03 -0.26 6.26
N SER A 236 -1.04 0.60 6.15
CA SER A 236 -2.13 0.62 7.13
C SER A 236 -2.91 -0.69 7.19
N HIS A 237 -3.06 -1.35 6.05
CA HIS A 237 -3.77 -2.63 5.97
C HIS A 237 -3.20 -3.72 6.89
N GLY A 238 -1.92 -3.61 7.25
CA GLY A 238 -1.31 -4.50 8.23
C GLY A 238 -1.80 -4.26 9.65
N GLU A 239 -2.65 -3.26 9.84
CA GLU A 239 -3.25 -2.95 11.14
C GLU A 239 -2.18 -2.84 12.24
N PRO A 240 -1.06 -2.17 11.95
CA PRO A 240 0.03 -2.12 12.93
C PRO A 240 -0.36 -1.36 14.19
N LEU A 241 -0.03 -1.92 15.35
CA LEU A 241 -0.33 -1.27 16.63
C LEU A 241 0.45 0.04 16.73
N CYS A 242 1.70 0.01 16.28
CA CYS A 242 2.56 1.18 16.28
C CYS A 242 3.20 1.40 14.92
N ILE A 243 3.48 2.66 14.60
CA ILE A 243 4.15 3.02 13.35
C ILE A 243 5.10 4.18 13.60
N GLY A 244 6.20 4.25 12.86
CA GLY A 244 7.19 5.29 13.12
C GLY A 244 8.30 5.40 12.10
N LEU A 245 9.42 5.97 12.54
CA LEU A 245 10.62 6.10 11.73
C LEU A 245 11.86 5.76 12.57
N ASN A 246 12.96 5.43 11.90
CA ASN A 246 14.21 5.08 12.60
C ASN A 246 15.47 5.25 11.74
N CYS A 247 16.57 5.58 12.42
CA CYS A 247 17.91 5.68 11.80
C CYS A 247 18.00 6.80 10.77
N ALA A 248 19.15 6.87 10.07
CA ALA A 248 19.37 7.82 8.96
C ALA A 248 19.36 9.29 9.38
N LEU A 249 18.35 9.68 10.15
CA LEU A 249 18.17 11.06 10.61
C LEU A 249 18.30 11.18 12.12
N GLY A 250 18.77 12.34 12.58
CA GLY A 250 18.79 12.68 13.99
C GLY A 250 17.41 13.13 14.45
N ALA A 251 17.26 13.32 15.75
CA ALA A 251 15.98 13.76 16.32
C ALA A 251 15.49 15.08 15.72
N ALA A 252 16.43 15.99 15.47
CA ALA A 252 16.11 17.33 14.98
C ALA A 252 15.61 17.33 13.53
N GLU A 253 16.35 16.64 12.66
CA GLU A 253 15.97 16.51 11.25
C GLU A 253 14.71 15.67 11.08
N MET A 254 14.57 14.63 11.91
CA MET A 254 13.44 13.69 11.82
C MET A 254 12.19 14.12 12.57
N ARG A 255 12.20 15.33 13.14
CA ARG A 255 11.06 15.83 13.93
C ARG A 255 9.80 16.10 13.10
N PRO A 256 9.86 17.06 12.17
CA PRO A 256 8.63 17.51 11.49
C PRO A 256 7.89 16.42 10.68
N PHE A 257 8.58 15.35 10.33
CA PHE A 257 7.96 14.24 9.61
C PHE A 257 7.14 13.37 10.56
N ILE A 258 7.62 13.22 11.79
CA ILE A 258 6.91 12.44 12.81
C ILE A 258 5.55 13.05 13.14
N GLU A 259 5.48 14.36 13.29
CA GLU A 259 4.22 15.05 13.58
C GLU A 259 3.26 15.03 12.39
N ILE A 260 3.80 14.89 11.18
CA ILE A 260 2.99 14.63 10.00
C ILE A 260 2.39 13.23 10.10
N ILE A 261 3.26 12.24 10.27
CA ILE A 261 2.82 10.84 10.43
C ILE A 261 1.81 10.66 11.56
N GLY A 262 1.99 11.38 12.66
CA GLY A 262 1.13 11.23 13.84
C GLY A 262 -0.28 11.74 13.66
N LYS A 263 -0.43 12.76 12.81
CA LYS A 263 -1.75 13.32 12.52
C LYS A 263 -2.48 12.54 11.42
N CYS A 264 -1.82 11.52 10.87
CA CYS A 264 -2.38 10.72 9.78
C CYS A 264 -2.69 9.26 10.15
N THR A 265 -2.58 8.92 11.44
CA THR A 265 -2.78 7.52 11.87
C THR A 265 -3.40 7.39 13.25
N THR A 266 -4.21 6.34 13.41
CA THR A 266 -4.82 5.98 14.70
C THR A 266 -3.84 5.17 15.55
N ALA A 267 -2.82 4.60 14.92
CA ALA A 267 -1.81 3.83 15.62
C ALA A 267 -0.99 4.68 16.58
N TYR A 268 -0.29 4.03 17.50
CA TYR A 268 0.73 4.70 18.30
C TYR A 268 1.91 5.02 17.38
N VAL A 269 2.79 5.92 17.83
CA VAL A 269 3.90 6.36 17.00
C VAL A 269 5.24 5.97 17.62
N LEU A 270 5.93 5.03 16.97
CA LEU A 270 7.32 4.70 17.32
C LEU A 270 8.23 5.80 16.79
N CYS A 271 9.41 5.94 17.39
CA CYS A 271 10.42 6.87 16.88
C CYS A 271 11.77 6.67 17.56
N TYR A 272 12.74 6.13 16.83
CA TYR A 272 14.11 6.00 17.35
C TYR A 272 15.17 6.55 16.39
N PRO A 273 15.48 7.86 16.50
CA PRO A 273 16.52 8.53 15.70
C PRO A 273 17.95 8.15 16.06
N ASN A 274 18.90 8.96 15.61
CA ASN A 274 20.33 8.71 15.81
C ASN A 274 21.11 9.95 16.23
N ALA A 275 22.37 9.73 16.62
CA ALA A 275 23.34 10.80 16.80
C ALA A 275 23.99 11.13 15.43
N GLY A 276 24.92 12.08 15.43
CA GLY A 276 25.62 12.46 14.20
C GLY A 276 26.67 11.45 13.79
N PHE A 298 15.73 14.30 24.39
CA PHE A 298 14.82 14.99 23.48
C PHE A 298 13.35 14.70 23.81
N ALA A 299 12.78 15.51 24.69
CA ALA A 299 11.38 15.40 25.07
C ALA A 299 10.48 16.07 24.03
N MET A 300 9.50 15.31 23.53
CA MET A 300 8.63 15.77 22.45
C MET A 300 7.46 16.62 22.95
N ASP A 301 6.69 17.16 22.00
CA ASP A 301 5.49 17.94 22.29
C ASP A 301 4.24 17.14 21.90
N GLY A 302 4.02 16.02 22.59
CA GLY A 302 2.89 15.13 22.30
C GLY A 302 3.03 14.39 20.99
N LEU A 303 4.27 14.13 20.58
CA LEU A 303 4.57 13.59 19.25
C LEU A 303 4.87 12.08 19.24
N VAL A 304 5.56 11.59 20.26
CA VAL A 304 6.02 10.19 20.30
C VAL A 304 5.32 9.36 21.40
N ASN A 305 5.05 8.09 21.09
CA ASN A 305 4.50 7.14 22.07
C ASN A 305 5.54 6.10 22.53
N ILE A 306 6.44 5.73 21.62
CA ILE A 306 7.60 4.90 21.97
C ILE A 306 8.86 5.63 21.50
N VAL A 307 9.93 5.53 22.29
CA VAL A 307 11.18 6.21 21.99
C VAL A 307 12.37 5.26 22.16
N GLY A 308 13.34 5.36 21.26
CA GLY A 308 14.58 4.59 21.37
C GLY A 308 15.73 5.24 20.63
N GLY A 309 16.73 4.43 20.30
CA GLY A 309 17.87 4.89 19.50
C GLY A 309 18.24 3.86 18.44
N CYS A 310 19.08 4.28 17.50
CA CYS A 310 19.61 3.39 16.46
C CYS A 310 21.13 3.61 16.38
N CYS A 311 21.68 3.81 15.19
CA CYS A 311 23.13 4.02 15.03
C CYS A 311 23.66 5.14 15.94
N GLY A 312 24.57 4.78 16.85
CA GLY A 312 25.13 5.73 17.81
C GLY A 312 24.60 5.56 19.22
N SER A 313 23.39 5.01 19.34
CA SER A 313 22.75 4.81 20.63
C SER A 313 23.42 3.71 21.44
N THR A 314 23.78 4.03 22.69
CA THR A 314 24.36 3.07 23.62
C THR A 314 23.38 2.89 24.79
N PRO A 315 23.64 1.92 25.69
CA PRO A 315 22.79 1.83 26.89
C PRO A 315 22.84 3.09 27.76
N ASP A 316 23.97 3.81 27.72
CA ASP A 316 24.13 5.05 28.46
C ASP A 316 23.21 6.16 27.92
N HIS A 317 22.91 6.10 26.61
CA HIS A 317 21.94 7.01 26.00
C HIS A 317 20.53 6.67 26.51
N ILE A 318 20.13 5.42 26.30
CA ILE A 318 18.79 4.95 26.67
C ILE A 318 18.38 5.32 28.10
N ARG A 319 19.34 5.33 29.02
CA ARG A 319 19.10 5.79 30.39
C ARG A 319 18.66 7.24 30.40
N GLU A 320 19.39 8.09 29.67
CA GLU A 320 19.03 9.50 29.52
C GLU A 320 17.64 9.67 28.88
N ILE A 321 17.36 8.85 27.87
CA ILE A 321 16.03 8.82 27.24
C ILE A 321 14.97 8.38 28.25
N ALA A 322 15.29 7.36 29.04
CA ALA A 322 14.34 6.79 30.00
C ALA A 322 13.95 7.79 31.09
N GLU A 323 14.95 8.44 31.68
CA GLU A 323 14.73 9.41 32.75
C GLU A 323 14.01 10.67 32.27
N ALA A 324 14.19 11.01 30.99
CA ALA A 324 13.53 12.16 30.39
C ALA A 324 12.03 11.90 30.15
N VAL A 325 11.74 10.78 29.50
CA VAL A 325 10.36 10.41 29.18
C VAL A 325 9.55 9.90 30.37
N LYS A 326 10.23 9.66 31.50
CA LYS A 326 9.61 9.06 32.70
C LYS A 326 8.25 9.63 33.07
N ASN A 327 8.15 10.95 33.18
CA ASN A 327 6.93 11.62 33.63
C ASN A 327 6.12 12.29 32.52
N CYS A 328 6.54 12.13 31.27
CA CYS A 328 5.87 12.77 30.13
C CYS A 328 4.54 12.10 29.79
N LYS A 329 3.56 12.90 29.39
CA LYS A 329 2.23 12.39 29.02
C LYS A 329 2.25 11.86 27.57
N PRO A 330 1.84 10.59 27.37
CA PRO A 330 1.83 10.00 26.02
C PRO A 330 0.92 10.72 25.02
N ARG A 331 1.21 10.51 23.74
CA ARG A 331 0.42 11.07 22.64
C ARG A 331 -1.01 10.55 22.69
N VAL A 332 -1.97 11.41 22.30
CA VAL A 332 -3.37 11.03 22.19
C VAL A 332 -3.67 10.68 20.73
N PRO A 333 -3.77 9.39 20.39
CA PRO A 333 -4.01 9.08 18.99
C PRO A 333 -5.40 9.51 18.52
N PRO A 334 -5.49 10.12 17.33
CA PRO A 334 -6.82 10.42 16.79
C PRO A 334 -7.50 9.15 16.31
N ALA A 335 -8.60 8.77 16.95
CA ALA A 335 -9.35 7.56 16.58
C ALA A 335 -10.26 7.78 15.37
N THR A 336 -10.39 9.02 14.91
CA THR A 336 -11.25 9.37 13.76
C THR A 336 -10.46 10.00 12.61
N ALA A 337 -9.19 9.61 12.45
CA ALA A 337 -8.30 10.20 11.45
C ALA A 337 -8.60 9.67 10.05
N PHE A 338 -9.10 10.55 9.18
CA PHE A 338 -9.56 10.21 7.83
C PHE A 338 -10.60 9.08 7.84
N GLU A 339 -11.71 9.34 8.52
CA GLU A 339 -12.71 8.31 8.83
C GLU A 339 -13.42 7.83 7.58
N GLY A 340 -14.00 8.76 6.84
CA GLY A 340 -14.77 8.43 5.63
C GLY A 340 -14.01 8.77 4.36
N HIS A 341 -12.71 8.44 4.34
CA HIS A 341 -11.87 8.70 3.19
C HIS A 341 -11.42 7.41 2.52
N MET A 342 -11.38 7.42 1.20
CA MET A 342 -10.65 6.39 0.47
C MET A 342 -9.19 6.80 0.41
N LEU A 343 -8.34 5.98 1.02
CA LEU A 343 -6.92 6.25 1.06
C LEU A 343 -6.23 5.49 -0.05
N LEU A 344 -5.62 6.23 -0.97
CA LEU A 344 -4.74 5.67 -1.97
C LEU A 344 -3.36 6.25 -1.77
N SER A 345 -2.38 5.68 -2.45
CA SER A 345 -1.04 6.23 -2.44
C SER A 345 -0.24 5.77 -3.67
N GLY A 346 0.53 6.69 -4.23
CA GLY A 346 1.67 6.36 -5.08
C GLY A 346 2.90 6.57 -4.21
N LEU A 347 3.76 7.50 -4.61
CA LEU A 347 4.84 7.98 -3.74
C LEU A 347 4.27 8.96 -2.73
N GLU A 348 3.26 9.71 -3.16
CA GLU A 348 2.57 10.64 -2.28
C GLU A 348 1.16 10.16 -2.03
N PRO A 349 0.55 10.57 -0.90
CA PRO A 349 -0.80 10.12 -0.60
C PRO A 349 -1.84 10.80 -1.47
N PHE A 350 -2.97 10.14 -1.69
CA PHE A 350 -4.08 10.72 -2.42
C PHE A 350 -5.41 10.28 -1.80
N ARG A 351 -6.05 11.21 -1.09
CA ARG A 351 -7.23 10.91 -0.29
C ARG A 351 -8.50 11.41 -0.97
N ILE A 352 -9.54 10.57 -0.96
CA ILE A 352 -10.85 10.92 -1.50
C ILE A 352 -11.84 10.96 -0.35
N GLY A 353 -12.08 12.15 0.18
CA GLY A 353 -13.08 12.36 1.23
C GLY A 353 -14.40 12.82 0.62
N PRO A 354 -15.49 12.82 1.41
CA PRO A 354 -16.81 13.14 0.89
C PRO A 354 -16.85 14.44 0.09
N TYR A 355 -16.11 15.45 0.56
CA TYR A 355 -16.10 16.78 -0.07
C TYR A 355 -15.04 16.92 -1.18
N THR A 356 -14.23 15.88 -1.38
CA THR A 356 -13.29 15.86 -2.51
C THR A 356 -14.09 15.84 -3.81
N ASN A 357 -13.64 16.60 -4.79
CA ASN A 357 -14.34 16.71 -6.07
C ASN A 357 -14.05 15.50 -6.95
N PHE A 358 -14.59 15.51 -8.18
CA PHE A 358 -14.45 14.38 -9.10
C PHE A 358 -12.99 14.01 -9.35
N VAL A 359 -12.66 12.76 -9.03
CA VAL A 359 -11.32 12.25 -9.28
C VAL A 359 -11.20 11.71 -10.69
N ASN A 360 -10.26 12.28 -11.45
CA ASN A 360 -9.99 11.81 -12.80
C ASN A 360 -8.96 10.69 -12.78
N ILE A 361 -9.39 9.51 -13.22
CA ILE A 361 -8.49 8.39 -13.44
C ILE A 361 -8.16 8.32 -14.93
N GLY A 362 -6.90 8.52 -15.28
CA GLY A 362 -6.48 8.61 -16.69
C GLY A 362 -6.70 7.34 -17.48
N GLU A 363 -7.31 7.47 -18.66
CA GLU A 363 -7.74 6.32 -19.47
C GLU A 363 -6.74 5.88 -20.54
N ARG A 364 -5.75 6.71 -20.86
CA ARG A 364 -4.94 6.51 -22.08
C ARG A 364 -3.98 5.31 -22.06
N CYS A 365 -3.49 4.92 -20.87
CA CYS A 365 -2.56 3.77 -20.78
C CYS A 365 -3.33 2.44 -20.85
N ASN A 366 -4.03 2.24 -21.95
CA ASN A 366 -4.89 1.09 -22.17
C ASN A 366 -4.72 0.59 -23.62
N VAL A 367 -4.22 -0.64 -23.76
CA VAL A 367 -3.87 -1.22 -25.05
C VAL A 367 -5.07 -1.31 -26.01
N ALA A 368 -6.26 -1.59 -25.48
CA ALA A 368 -7.45 -1.71 -26.31
C ALA A 368 -8.07 -0.34 -26.64
N GLY A 369 -8.04 0.58 -25.68
CA GLY A 369 -8.71 1.86 -25.82
C GLY A 369 -7.86 3.02 -26.31
N SER A 370 -6.61 2.76 -26.64
CA SER A 370 -5.71 3.80 -27.16
C SER A 370 -4.91 3.30 -28.36
N ARG A 371 -4.86 4.11 -29.41
CA ARG A 371 -4.16 3.74 -30.65
C ARG A 371 -2.66 3.82 -30.48
N LYS A 372 -2.18 4.96 -29.99
CA LYS A 372 -0.74 5.17 -29.81
C LYS A 372 -0.17 4.18 -28.81
N PHE A 373 -0.75 4.15 -27.61
CA PHE A 373 -0.27 3.29 -26.52
C PHE A 373 -0.08 1.85 -26.98
N ALA A 374 -1.08 1.32 -27.67
CA ALA A 374 -1.01 -0.05 -28.19
C ALA A 374 0.15 -0.23 -29.15
N LYS A 375 0.35 0.76 -30.02
CA LYS A 375 1.44 0.73 -31.00
C LYS A 375 2.81 0.73 -30.34
N LEU A 376 2.94 1.47 -29.24
CA LEU A 376 4.22 1.58 -28.52
C LEU A 376 4.50 0.38 -27.61
N ILE A 377 3.46 -0.24 -27.06
CA ILE A 377 3.63 -1.45 -26.25
C ILE A 377 3.93 -2.66 -27.12
N MET A 378 3.13 -2.83 -28.18
CA MET A 378 3.32 -3.96 -29.10
C MET A 378 4.67 -3.90 -29.81
N ALA A 379 5.16 -2.68 -30.05
CA ALA A 379 6.48 -2.48 -30.64
C ALA A 379 7.58 -2.42 -29.57
N GLY A 380 7.23 -2.72 -28.32
CA GLY A 380 8.19 -2.81 -27.23
C GLY A 380 8.78 -1.50 -26.73
N ASN A 381 8.29 -0.37 -27.26
CA ASN A 381 8.81 0.93 -26.85
C ASN A 381 8.13 1.41 -25.57
N TYR A 382 8.62 0.89 -24.45
CA TYR A 382 8.08 1.22 -23.13
C TYR A 382 8.55 2.59 -22.63
N GLU A 383 9.76 2.99 -23.01
CA GLU A 383 10.31 4.28 -22.58
C GLU A 383 9.44 5.46 -23.04
N GLU A 384 8.99 5.42 -24.30
CA GLU A 384 8.12 6.47 -24.83
C GLU A 384 6.67 6.32 -24.40
N ALA A 385 6.28 5.09 -24.02
CA ALA A 385 4.93 4.85 -23.50
C ALA A 385 4.71 5.56 -22.16
N LEU A 386 5.79 5.77 -21.42
CA LEU A 386 5.73 6.53 -20.16
C LEU A 386 5.35 8.00 -20.36
N CYS A 387 5.61 8.53 -21.55
CA CYS A 387 5.20 9.89 -21.87
C CYS A 387 3.68 10.02 -21.88
N VAL A 388 2.98 8.94 -22.24
CA VAL A 388 1.52 8.92 -22.23
C VAL A 388 1.01 8.99 -20.78
N ALA A 389 1.70 8.33 -19.86
CA ALA A 389 1.41 8.46 -18.44
C ALA A 389 1.78 9.85 -17.92
N LYS A 390 2.97 10.33 -18.28
CA LYS A 390 3.47 11.64 -17.83
C LYS A 390 2.54 12.79 -18.24
N VAL A 391 2.17 12.82 -19.53
CA VAL A 391 1.30 13.87 -20.05
C VAL A 391 -0.10 13.87 -19.41
N GLN A 392 -0.65 12.68 -19.17
CA GLN A 392 -1.96 12.56 -18.51
C GLN A 392 -1.97 13.19 -17.13
N VAL A 393 -0.91 12.95 -16.37
CA VAL A 393 -0.78 13.55 -15.03
C VAL A 393 -0.66 15.07 -15.14
N GLU A 394 0.09 15.52 -16.14
CA GLU A 394 0.25 16.96 -16.40
C GLU A 394 -1.08 17.57 -16.85
N MET A 395 -1.89 16.75 -17.51
CA MET A 395 -3.17 17.18 -18.06
C MET A 395 -4.34 16.98 -17.08
N GLY A 396 -4.05 16.65 -15.82
CA GLY A 396 -5.07 16.60 -14.77
C GLY A 396 -5.40 15.23 -14.20
N ALA A 397 -4.70 14.19 -14.64
CA ALA A 397 -4.96 12.83 -14.14
C ALA A 397 -4.42 12.65 -12.73
N GLN A 398 -5.30 12.28 -11.80
CA GLN A 398 -4.92 12.12 -10.40
C GLN A 398 -4.62 10.66 -10.05
N VAL A 399 -5.19 9.74 -10.82
CA VAL A 399 -4.83 8.34 -10.77
C VAL A 399 -4.60 7.87 -12.21
N LEU A 400 -3.74 6.89 -12.42
CA LEU A 400 -3.49 6.35 -13.75
C LEU A 400 -4.04 4.93 -13.88
N ASP A 401 -4.87 4.72 -14.90
CA ASP A 401 -5.35 3.38 -15.24
C ASP A 401 -4.32 2.71 -16.14
N VAL A 402 -3.90 1.50 -15.78
CA VAL A 402 -2.97 0.72 -16.60
C VAL A 402 -3.65 -0.55 -17.05
N ASN A 403 -3.72 -0.76 -18.36
CA ASN A 403 -4.37 -1.94 -18.94
C ASN A 403 -3.55 -2.54 -20.07
N MET A 404 -3.08 -3.77 -19.85
CA MET A 404 -2.18 -4.47 -20.78
C MET A 404 -2.84 -5.71 -21.40
N ASP A 405 -4.15 -5.67 -21.56
CA ASP A 405 -4.91 -6.81 -22.08
C ASP A 405 -4.96 -6.83 -23.60
N ASP A 406 -4.29 -7.81 -24.20
CA ASP A 406 -4.40 -8.11 -25.62
C ASP A 406 -3.88 -9.52 -25.88
N GLY A 407 -4.51 -10.22 -26.81
CA GLY A 407 -4.11 -11.57 -27.19
C GLY A 407 -2.66 -11.69 -27.64
N MET A 408 -2.12 -10.60 -28.18
CA MET A 408 -0.72 -10.56 -28.61
C MET A 408 0.23 -10.08 -27.49
N LEU A 409 -0.17 -10.22 -26.23
CA LEU A 409 0.65 -9.78 -25.09
C LEU A 409 0.66 -10.76 -23.93
N ASP A 410 1.80 -10.86 -23.26
CA ASP A 410 1.92 -11.58 -22.01
C ASP A 410 1.47 -10.65 -20.90
N GLY A 411 0.19 -10.74 -20.54
CA GLY A 411 -0.42 -9.82 -19.59
C GLY A 411 0.42 -9.56 -18.35
N PRO A 412 0.67 -10.61 -17.54
CA PRO A 412 1.39 -10.47 -16.28
C PRO A 412 2.75 -9.80 -16.39
N SER A 413 3.51 -10.13 -17.44
CA SER A 413 4.85 -9.59 -17.62
C SER A 413 4.83 -8.12 -18.03
N ALA A 414 3.99 -7.81 -19.01
CA ALA A 414 3.85 -6.43 -19.50
C ALA A 414 3.40 -5.49 -18.39
N MET A 415 2.43 -5.93 -17.60
CA MET A 415 1.96 -5.17 -16.43
C MET A 415 3.12 -4.98 -15.48
N THR A 416 3.75 -6.10 -15.10
CA THR A 416 4.93 -6.12 -14.25
C THR A 416 6.00 -5.17 -14.77
N ARG A 417 6.23 -5.19 -16.08
CA ARG A 417 7.26 -4.36 -16.69
C ARG A 417 6.89 -2.89 -16.63
N PHE A 418 5.68 -2.56 -17.08
CA PHE A 418 5.25 -1.16 -17.13
C PHE A 418 5.13 -0.56 -15.73
N CYS A 419 4.63 -1.34 -14.77
CA CYS A 419 4.52 -0.87 -13.39
C CYS A 419 5.89 -0.54 -12.81
N ASN A 420 6.86 -1.41 -13.05
CA ASN A 420 8.23 -1.18 -12.60
C ASN A 420 8.89 0.02 -13.28
N LEU A 421 8.52 0.29 -14.52
CA LEU A 421 9.02 1.47 -15.24
C LEU A 421 8.44 2.76 -14.70
N ILE A 422 7.13 2.79 -14.52
CA ILE A 422 6.44 3.92 -13.91
C ILE A 422 7.14 4.31 -12.61
N ALA A 423 7.42 3.31 -11.78
CA ALA A 423 8.07 3.53 -10.49
C ALA A 423 9.39 4.28 -10.62
N SER A 424 10.08 4.10 -11.75
CA SER A 424 11.34 4.80 -12.01
C SER A 424 11.13 6.30 -12.13
N GLU A 425 10.10 6.71 -12.86
CA GLU A 425 9.86 8.13 -13.13
C GLU A 425 9.08 8.80 -11.99
N PRO A 426 9.74 9.71 -11.23
CA PRO A 426 9.10 10.29 -10.04
C PRO A 426 7.83 11.09 -10.31
N ASP A 427 7.76 11.78 -11.45
CA ASP A 427 6.56 12.53 -11.84
C ASP A 427 5.34 11.61 -11.96
N ILE A 428 5.54 10.45 -12.59
CA ILE A 428 4.46 9.50 -12.81
C ILE A 428 4.17 8.72 -11.52
N ALA A 429 5.22 8.32 -10.81
CA ALA A 429 5.08 7.45 -9.62
C ALA A 429 4.33 8.10 -8.45
N LYS A 430 4.30 9.43 -8.41
CA LYS A 430 3.56 10.18 -7.39
C LYS A 430 2.12 9.72 -7.23
N VAL A 431 1.43 9.49 -8.34
CA VAL A 431 0.00 9.19 -8.29
C VAL A 431 -0.26 7.71 -7.99
N PRO A 432 -1.48 7.40 -7.49
CA PRO A 432 -1.83 6.00 -7.37
C PRO A 432 -2.02 5.36 -8.74
N LEU A 433 -2.04 4.04 -8.76
CA LEU A 433 -2.28 3.31 -10.00
C LEU A 433 -3.58 2.52 -9.89
N CYS A 434 -4.25 2.39 -11.03
CA CYS A 434 -5.46 1.61 -11.14
C CYS A 434 -5.13 0.44 -12.06
N ILE A 435 -5.00 -0.74 -11.47
CA ILE A 435 -4.61 -1.94 -12.22
C ILE A 435 -5.84 -2.52 -12.92
N ASP A 436 -5.84 -2.44 -14.25
CA ASP A 436 -7.02 -2.77 -15.05
C ASP A 436 -6.81 -4.06 -15.83
N SER A 437 -7.56 -5.10 -15.49
CA SER A 437 -7.53 -6.35 -16.25
C SER A 437 -8.76 -7.23 -16.04
N SER A 438 -9.09 -7.99 -17.08
CA SER A 438 -10.11 -9.02 -17.01
C SER A 438 -9.54 -10.32 -16.44
N ASN A 439 -8.23 -10.34 -16.21
CA ASN A 439 -7.50 -11.52 -15.76
C ASN A 439 -6.92 -11.24 -14.37
N PHE A 440 -7.35 -12.01 -13.38
CA PHE A 440 -6.95 -11.75 -12.00
C PHE A 440 -5.44 -11.91 -11.78
N ALA A 441 -4.81 -12.81 -12.54
CA ALA A 441 -3.36 -13.01 -12.48
C ALA A 441 -2.60 -11.77 -12.93
N VAL A 442 -3.17 -11.00 -13.85
CA VAL A 442 -2.58 -9.71 -14.24
C VAL A 442 -2.75 -8.73 -13.08
N ILE A 443 -3.96 -8.64 -12.55
CA ILE A 443 -4.22 -7.83 -11.37
C ILE A 443 -3.16 -8.14 -10.32
N GLU A 444 -3.10 -9.42 -9.95
CA GLU A 444 -2.20 -9.91 -8.90
C GLU A 444 -0.74 -9.56 -9.18
N ALA A 445 -0.34 -9.58 -10.46
CA ALA A 445 1.02 -9.23 -10.83
C ALA A 445 1.31 -7.75 -10.59
N GLY A 446 0.35 -6.89 -10.96
CA GLY A 446 0.49 -5.45 -10.75
C GLY A 446 0.58 -5.06 -9.28
N LEU A 447 -0.23 -5.70 -8.44
CA LEU A 447 -0.21 -5.43 -7.00
C LEU A 447 1.16 -5.72 -6.41
N LYS A 448 1.77 -6.83 -6.80
CA LYS A 448 3.12 -7.18 -6.36
C LYS A 448 4.16 -6.12 -6.76
N CYS A 449 3.95 -5.50 -7.91
CA CYS A 449 4.90 -4.51 -8.45
C CYS A 449 4.65 -3.07 -7.98
N CYS A 450 3.50 -2.82 -7.34
CA CYS A 450 3.14 -1.47 -6.92
C CYS A 450 3.44 -1.24 -5.45
N GLN A 451 4.14 -0.14 -5.18
CA GLN A 451 4.56 0.21 -3.82
C GLN A 451 3.41 0.84 -3.05
N GLY A 452 2.69 1.76 -3.69
CA GLY A 452 1.60 2.45 -3.05
C GLY A 452 0.33 1.63 -3.07
N LYS A 453 -0.70 2.14 -2.40
CA LYS A 453 -2.01 1.48 -2.40
C LYS A 453 -2.74 1.80 -3.71
N CYS A 454 -3.12 0.74 -4.43
CA CYS A 454 -3.71 0.88 -5.76
C CYS A 454 -5.20 0.65 -5.73
N ILE A 455 -5.85 1.03 -6.83
CA ILE A 455 -7.20 0.56 -7.12
C ILE A 455 -7.04 -0.73 -7.91
N VAL A 456 -7.88 -1.72 -7.62
CA VAL A 456 -7.96 -2.92 -8.42
C VAL A 456 -9.21 -2.83 -9.28
N ASN A 457 -9.05 -3.14 -10.56
CA ASN A 457 -10.10 -2.98 -11.54
C ASN A 457 -10.04 -4.15 -12.53
N SER A 458 -10.88 -5.17 -12.37
CA SER A 458 -11.99 -5.22 -11.43
C SER A 458 -12.27 -6.66 -11.04
N ILE A 459 -13.26 -6.86 -10.17
CA ILE A 459 -13.85 -8.17 -9.99
C ILE A 459 -15.36 -8.07 -10.17
N SER A 460 -16.02 -9.22 -10.24
CA SER A 460 -17.48 -9.28 -10.36
C SER A 460 -17.99 -10.64 -9.91
N LEU A 461 -19.30 -10.82 -9.98
CA LEU A 461 -19.94 -12.09 -9.64
C LEU A 461 -20.24 -12.93 -10.88
N LYS A 462 -19.61 -12.59 -12.01
CA LYS A 462 -19.76 -13.34 -13.25
C LYS A 462 -19.64 -14.86 -13.03
N GLU A 463 -18.61 -15.26 -12.29
CA GLU A 463 -18.33 -16.68 -12.03
C GLU A 463 -18.82 -17.17 -10.65
N GLY A 464 -19.82 -16.50 -10.08
CA GLY A 464 -20.42 -16.93 -8.82
C GLY A 464 -19.81 -16.30 -7.58
N GLU A 465 -20.45 -16.56 -6.45
CA GLU A 465 -20.09 -15.98 -5.16
C GLU A 465 -18.70 -16.39 -4.66
N ASP A 466 -18.44 -17.69 -4.62
CA ASP A 466 -17.17 -18.20 -4.06
C ASP A 466 -15.94 -17.63 -4.74
N ASP A 467 -16.02 -17.51 -6.07
CA ASP A 467 -14.90 -16.99 -6.86
C ASP A 467 -14.69 -15.50 -6.56
N PHE A 468 -15.80 -14.76 -6.48
CA PHE A 468 -15.80 -13.35 -6.11
C PHE A 468 -15.14 -13.15 -4.75
N LEU A 469 -15.53 -14.00 -3.80
CA LEU A 469 -15.02 -13.92 -2.44
C LEU A 469 -13.53 -14.25 -2.36
N GLU A 470 -13.10 -15.25 -3.12
CA GLU A 470 -11.69 -15.64 -3.09
C GLU A 470 -10.82 -14.50 -3.60
N LYS A 471 -11.26 -13.87 -4.68
CA LYS A 471 -10.54 -12.73 -5.28
C LYS A 471 -10.58 -11.50 -4.39
N ALA A 472 -11.74 -11.24 -3.78
CA ALA A 472 -11.89 -10.11 -2.86
C ALA A 472 -11.08 -10.35 -1.59
N ARG A 473 -10.95 -11.61 -1.20
CA ARG A 473 -10.15 -12.00 -0.03
C ARG A 473 -8.65 -11.77 -0.29
N LYS A 474 -8.21 -12.05 -1.52
CA LYS A 474 -6.82 -11.83 -1.91
C LYS A 474 -6.48 -10.34 -2.01
N ILE A 475 -7.39 -9.55 -2.56
CA ILE A 475 -7.17 -8.10 -2.71
C ILE A 475 -7.04 -7.45 -1.34
N LYS A 476 -7.98 -7.75 -0.44
CA LYS A 476 -7.91 -7.30 0.95
C LYS A 476 -6.55 -7.63 1.60
N LYS A 477 -5.97 -8.76 1.24
CA LYS A 477 -4.66 -9.20 1.75
C LYS A 477 -3.53 -8.30 1.25
N TYR A 478 -3.52 -8.02 -0.05
CA TYR A 478 -2.59 -7.03 -0.62
C TYR A 478 -2.92 -5.61 -0.12
N GLY A 479 -4.18 -5.38 0.22
CA GLY A 479 -4.61 -4.12 0.86
C GLY A 479 -4.96 -3.02 -0.12
N ALA A 480 -5.52 -3.39 -1.28
CA ALA A 480 -5.87 -2.42 -2.30
C ALA A 480 -7.33 -1.98 -2.22
N ALA A 481 -7.60 -0.80 -2.74
CA ALA A 481 -8.97 -0.42 -3.06
C ALA A 481 -9.37 -1.31 -4.23
N MET A 482 -10.66 -1.33 -4.57
CA MET A 482 -11.20 -2.36 -5.44
C MET A 482 -12.46 -1.90 -6.17
N VAL A 483 -12.51 -2.12 -7.47
CA VAL A 483 -13.70 -1.84 -8.27
C VAL A 483 -14.54 -3.11 -8.41
N VAL A 484 -15.81 -3.01 -8.06
CA VAL A 484 -16.75 -4.10 -8.23
C VAL A 484 -17.70 -3.79 -9.39
N MET A 485 -17.56 -4.57 -10.45
CA MET A 485 -18.35 -4.40 -11.66
C MET A 485 -19.80 -4.86 -11.43
N ALA A 486 -20.74 -4.20 -12.10
CA ALA A 486 -22.14 -4.62 -12.04
C ALA A 486 -22.40 -5.76 -13.04
N PHE A 487 -21.80 -6.90 -12.76
CA PHE A 487 -21.89 -8.10 -13.59
C PHE A 487 -22.15 -9.24 -12.62
N ASP A 488 -23.12 -10.10 -12.94
CA ASP A 488 -23.33 -11.33 -12.16
C ASP A 488 -23.59 -12.54 -13.06
N GLU A 489 -24.12 -13.62 -12.49
CA GLU A 489 -24.38 -14.85 -13.22
C GLU A 489 -25.33 -14.64 -14.41
N GLU A 490 -26.27 -13.70 -14.27
CA GLU A 490 -27.21 -13.35 -15.34
C GLU A 490 -26.54 -12.61 -16.52
N GLY A 491 -25.38 -12.01 -16.28
CA GLY A 491 -24.67 -11.23 -17.30
C GLY A 491 -24.45 -9.79 -16.88
N GLN A 492 -24.30 -8.90 -17.85
CA GLN A 492 -24.03 -7.49 -17.58
C GLN A 492 -25.30 -6.74 -17.19
N ALA A 493 -25.23 -5.98 -16.09
CA ALA A 493 -26.37 -5.24 -15.58
C ALA A 493 -26.59 -3.96 -16.37
N THR A 494 -27.65 -3.93 -17.17
CA THR A 494 -27.95 -2.80 -18.05
C THR A 494 -29.18 -1.99 -17.61
N GLU A 495 -29.88 -2.50 -16.59
CA GLU A 495 -31.08 -1.84 -16.07
C GLU A 495 -30.82 -1.32 -14.66
N THR A 496 -31.51 -0.24 -14.30
CA THR A 496 -31.31 0.40 -12.99
C THR A 496 -31.43 -0.59 -11.84
N ASP A 497 -32.44 -1.45 -11.87
CA ASP A 497 -32.67 -2.42 -10.80
C ASP A 497 -31.58 -3.49 -10.76
N THR A 498 -31.22 -4.02 -11.94
CA THR A 498 -30.18 -5.04 -12.04
C THR A 498 -28.84 -4.51 -11.56
N LYS A 499 -28.55 -3.26 -11.91
CA LYS A 499 -27.33 -2.59 -11.44
C LYS A 499 -27.30 -2.54 -9.90
N ILE A 500 -28.42 -2.13 -9.31
CA ILE A 500 -28.55 -2.03 -7.84
C ILE A 500 -28.45 -3.40 -7.18
N ARG A 501 -29.14 -4.38 -7.74
CA ARG A 501 -29.13 -5.75 -7.20
C ARG A 501 -27.71 -6.25 -6.95
N VAL A 502 -26.89 -6.22 -8.00
CA VAL A 502 -25.54 -6.76 -7.95
C VAL A 502 -24.68 -6.04 -6.91
N CYS A 503 -24.71 -4.71 -6.96
CA CYS A 503 -23.92 -3.90 -6.04
C CYS A 503 -24.36 -4.09 -4.60
N THR A 504 -25.67 -4.25 -4.39
CA THR A 504 -26.22 -4.45 -3.05
C THR A 504 -25.80 -5.80 -2.47
N ARG A 505 -25.90 -6.84 -3.30
CA ARG A 505 -25.46 -8.19 -2.94
C ARG A 505 -23.97 -8.18 -2.66
N ALA A 506 -23.21 -7.56 -3.55
CA ALA A 506 -21.76 -7.50 -3.44
C ALA A 506 -21.34 -6.79 -2.15
N TYR A 507 -21.91 -5.62 -1.92
CA TYR A 507 -21.67 -4.85 -0.69
C TYR A 507 -21.89 -5.72 0.56
N HIS A 508 -22.94 -6.54 0.53
CA HIS A 508 -23.26 -7.43 1.65
C HIS A 508 -22.18 -8.50 1.86
N LEU A 509 -21.67 -9.08 0.77
CA LEU A 509 -20.63 -10.10 0.86
C LEU A 509 -19.31 -9.50 1.34
N LEU A 510 -18.96 -8.34 0.79
CA LEU A 510 -17.69 -7.69 1.15
C LEU A 510 -17.69 -7.18 2.60
N VAL A 511 -18.71 -6.42 2.96
CA VAL A 511 -18.73 -5.77 4.27
C VAL A 511 -19.04 -6.76 5.39
N LYS A 512 -20.11 -7.55 5.21
CA LYS A 512 -20.50 -8.53 6.23
C LYS A 512 -19.55 -9.74 6.25
N LYS A 513 -19.55 -10.52 5.17
CA LYS A 513 -18.85 -11.82 5.16
C LYS A 513 -17.33 -11.69 5.26
N LEU A 514 -16.77 -10.59 4.76
CA LEU A 514 -15.31 -10.41 4.71
C LEU A 514 -14.76 -9.30 5.60
N GLY A 515 -15.61 -8.39 6.07
CA GLY A 515 -15.14 -7.24 6.86
C GLY A 515 -14.33 -6.24 6.04
N PHE A 516 -14.61 -6.19 4.74
CA PHE A 516 -13.94 -5.28 3.83
C PHE A 516 -14.34 -3.85 4.23
N ASN A 517 -13.37 -2.95 4.30
CA ASN A 517 -13.65 -1.55 4.59
C ASN A 517 -14.54 -1.01 3.48
N PRO A 518 -15.74 -0.51 3.83
CA PRO A 518 -16.63 -0.02 2.76
C PRO A 518 -16.09 1.19 2.01
N ASN A 519 -15.10 1.87 2.59
CA ASN A 519 -14.43 2.99 1.90
C ASN A 519 -13.40 2.55 0.88
N ASP A 520 -13.06 1.26 0.86
CA ASP A 520 -12.21 0.70 -0.18
C ASP A 520 -13.02 0.12 -1.35
N ILE A 521 -14.35 0.19 -1.26
CA ILE A 521 -15.22 -0.38 -2.30
C ILE A 521 -15.70 0.70 -3.26
N ILE A 522 -15.33 0.51 -4.53
CA ILE A 522 -15.86 1.28 -5.63
C ILE A 522 -16.81 0.35 -6.38
N PHE A 523 -17.98 0.87 -6.74
CA PHE A 523 -18.93 0.12 -7.56
C PHE A 523 -18.98 0.77 -8.93
N ASP A 524 -18.99 -0.06 -9.97
CA ASP A 524 -19.13 0.42 -11.32
C ASP A 524 -20.42 -0.15 -11.92
N PRO A 525 -21.54 0.57 -11.77
CA PRO A 525 -22.65 0.26 -12.64
C PRO A 525 -22.14 0.61 -14.03
N ASN A 526 -22.44 -0.21 -15.02
CA ASN A 526 -21.71 -0.12 -16.28
C ASN A 526 -22.18 1.05 -17.14
N ILE A 527 -21.26 1.93 -17.48
CA ILE A 527 -21.53 3.01 -18.44
C ILE A 527 -21.41 2.42 -19.84
N LEU A 528 -22.56 2.25 -20.50
CA LEU A 528 -22.62 1.63 -21.81
C LEU A 528 -22.95 2.65 -22.90
N THR A 529 -22.64 2.27 -24.13
CA THR A 529 -22.83 3.15 -25.28
C THR A 529 -24.31 3.47 -25.48
N ILE A 530 -24.60 4.74 -25.77
CA ILE A 530 -25.94 5.16 -26.21
C ILE A 530 -25.82 5.78 -27.60
N GLY A 531 -26.95 6.19 -28.18
CA GLY A 531 -26.96 6.80 -29.50
C GLY A 531 -26.66 5.85 -30.64
N THR A 532 -26.91 4.55 -30.40
CA THR A 532 -26.56 3.50 -31.36
C THR A 532 -27.56 3.38 -32.50
N GLY A 533 -28.79 3.84 -32.28
CA GLY A 533 -29.90 3.60 -33.20
C GLY A 533 -30.64 2.32 -32.86
N MET A 534 -30.60 1.94 -31.58
CA MET A 534 -31.33 0.77 -31.08
C MET A 534 -32.03 1.15 -29.78
N GLU A 535 -33.35 1.16 -29.81
CA GLU A 535 -34.19 1.64 -28.70
C GLU A 535 -33.88 1.00 -27.33
N GLU A 536 -33.32 -0.22 -27.36
CA GLU A 536 -32.96 -0.93 -26.12
C GLU A 536 -31.93 -0.15 -25.30
N HIS A 537 -30.99 0.50 -26.00
CA HIS A 537 -29.88 1.20 -25.34
C HIS A 537 -30.23 2.61 -24.85
N ASN A 538 -31.46 3.05 -25.03
CA ASN A 538 -31.85 4.44 -24.80
C ASN A 538 -31.80 4.90 -23.33
N LEU A 539 -32.18 4.01 -22.42
CA LEU A 539 -32.23 4.32 -20.98
C LEU A 539 -30.89 4.10 -20.26
N TYR A 540 -29.91 3.53 -20.96
CA TYR A 540 -28.64 3.13 -20.37
C TYR A 540 -27.97 4.21 -19.51
N ALA A 541 -27.81 5.41 -20.07
CA ALA A 541 -27.23 6.52 -19.31
C ALA A 541 -28.06 6.81 -18.06
N ILE A 542 -29.37 7.00 -18.24
CA ILE A 542 -30.26 7.29 -17.13
C ILE A 542 -30.14 6.22 -16.03
N ASN A 543 -30.18 4.95 -16.44
CA ASN A 543 -30.08 3.85 -15.48
C ASN A 543 -28.81 3.95 -14.61
N PHE A 544 -27.71 4.34 -15.23
CA PHE A 544 -26.45 4.50 -14.51
C PHE A 544 -26.55 5.62 -13.47
N ILE A 545 -27.17 6.73 -13.86
CA ILE A 545 -27.33 7.88 -12.97
C ILE A 545 -28.33 7.57 -11.85
N HIS A 546 -29.44 6.93 -12.22
CA HIS A 546 -30.44 6.52 -11.22
C HIS A 546 -29.84 5.51 -10.23
N ALA A 547 -29.08 4.55 -10.76
CA ALA A 547 -28.48 3.51 -9.93
C ALA A 547 -27.43 4.10 -8.99
N THR A 548 -26.73 5.11 -9.48
CA THR A 548 -25.74 5.84 -8.69
C THR A 548 -26.36 6.50 -7.46
N LYS A 549 -27.55 7.08 -7.63
CA LYS A 549 -28.28 7.70 -6.52
C LYS A 549 -28.63 6.68 -5.44
N VAL A 550 -29.27 5.59 -5.85
CA VAL A 550 -29.76 4.58 -4.89
C VAL A 550 -28.61 3.89 -4.16
N ILE A 551 -27.50 3.68 -4.87
CA ILE A 551 -26.31 3.06 -4.29
C ILE A 551 -25.61 3.98 -3.29
N LYS A 552 -25.56 5.27 -3.62
CA LYS A 552 -24.96 6.27 -2.73
C LYS A 552 -25.78 6.44 -1.46
N GLU A 553 -27.09 6.14 -1.54
CA GLU A 553 -28.00 6.24 -0.40
C GLU A 553 -28.16 4.90 0.33
N THR A 554 -28.05 3.80 -0.42
CA THR A 554 -28.29 2.46 0.13
C THR A 554 -27.09 1.89 0.86
N LEU A 555 -25.90 2.08 0.28
CA LEU A 555 -24.70 1.37 0.69
C LEU A 555 -23.65 2.33 1.25
N PRO A 556 -23.62 2.51 2.57
CA PRO A 556 -22.73 3.52 3.15
C PRO A 556 -21.24 3.18 2.97
N GLY A 557 -20.46 4.18 2.62
CA GLY A 557 -19.01 4.02 2.48
C GLY A 557 -18.56 3.87 1.05
N ALA A 558 -19.25 3.00 0.30
CA ALA A 558 -18.88 2.70 -1.09
C ALA A 558 -18.92 3.95 -1.94
N ARG A 559 -18.16 3.93 -3.03
CA ARG A 559 -18.13 5.05 -3.97
C ARG A 559 -18.47 4.55 -5.36
N ILE A 560 -18.65 5.48 -6.29
CA ILE A 560 -19.09 5.14 -7.64
C ILE A 560 -18.10 5.63 -8.68
N SER A 561 -17.77 4.73 -9.61
CA SER A 561 -16.91 5.02 -10.73
C SER A 561 -17.53 4.53 -12.04
N GLY A 562 -16.92 4.91 -13.16
CA GLY A 562 -17.36 4.46 -14.47
C GLY A 562 -16.40 4.88 -15.57
N GLY A 563 -16.30 4.03 -16.60
CA GLY A 563 -15.52 4.35 -17.78
C GLY A 563 -16.33 5.25 -18.67
N LEU A 564 -16.02 6.56 -18.64
CA LEU A 564 -16.88 7.56 -19.24
C LEU A 564 -16.92 7.51 -20.76
N SER A 565 -15.77 7.34 -21.39
CA SER A 565 -15.67 7.35 -22.85
C SER A 565 -16.44 6.21 -23.56
N ASN A 566 -16.88 5.21 -22.79
CA ASN A 566 -17.74 4.16 -23.33
C ASN A 566 -19.08 4.71 -23.82
N LEU A 567 -19.55 5.78 -23.17
CA LEU A 567 -20.83 6.40 -23.48
C LEU A 567 -20.91 6.83 -24.95
N SER A 568 -19.79 7.30 -25.49
CA SER A 568 -19.79 8.04 -26.76
C SER A 568 -19.08 7.33 -27.91
N PHE A 569 -19.05 6.01 -27.90
CA PHE A 569 -18.55 5.23 -29.05
C PHE A 569 -19.42 5.45 -30.29
N SER A 570 -20.69 5.82 -30.09
CA SER A 570 -21.61 6.03 -31.20
C SER A 570 -21.23 7.21 -32.08
N PHE A 571 -20.51 8.18 -31.52
CA PHE A 571 -20.08 9.36 -32.27
C PHE A 571 -18.57 9.49 -32.28
N ARG A 572 -17.88 8.44 -32.71
CA ARG A 572 -16.43 8.50 -32.91
C ARG A 572 -16.16 9.41 -34.10
N GLY A 573 -15.01 10.10 -34.07
CA GLY A 573 -14.68 11.10 -35.09
C GLY A 573 -15.06 12.48 -34.59
N MET A 574 -16.34 12.67 -34.33
CA MET A 574 -16.85 13.91 -33.77
C MET A 574 -16.44 14.03 -32.30
N GLU A 575 -15.18 14.41 -32.06
CA GLU A 575 -14.64 14.53 -30.71
C GLU A 575 -15.33 15.62 -29.88
N ALA A 576 -15.61 16.76 -30.50
CA ALA A 576 -16.28 17.87 -29.82
C ALA A 576 -17.62 17.43 -29.22
N ILE A 577 -18.32 16.53 -29.90
CA ILE A 577 -19.56 15.97 -29.38
C ILE A 577 -19.27 15.00 -28.23
N ARG A 578 -18.28 14.13 -28.43
CA ARG A 578 -17.90 13.17 -27.39
C ARG A 578 -17.56 13.87 -26.09
N GLU A 579 -16.68 14.88 -26.18
CA GLU A 579 -16.30 15.68 -25.02
C GLU A 579 -17.51 16.39 -24.41
N ALA A 580 -18.38 16.94 -25.26
CA ALA A 580 -19.59 17.60 -24.80
C ALA A 580 -20.54 16.62 -24.08
N MET A 581 -20.75 15.45 -24.68
CA MET A 581 -21.51 14.38 -24.04
C MET A 581 -20.96 14.08 -22.65
N HIS A 582 -19.65 13.89 -22.56
CA HIS A 582 -18.98 13.56 -21.31
C HIS A 582 -19.26 14.61 -20.22
N GLY A 583 -19.14 15.88 -20.59
CA GLY A 583 -19.39 16.98 -19.66
C GLY A 583 -20.84 17.07 -19.23
N VAL A 584 -21.75 16.85 -20.17
CA VAL A 584 -23.19 16.87 -19.88
C VAL A 584 -23.56 15.68 -19.00
N PHE A 585 -22.99 14.52 -19.31
CA PHE A 585 -23.21 13.33 -18.50
C PHE A 585 -22.69 13.53 -17.08
N LEU A 586 -21.44 13.96 -16.96
CA LEU A 586 -20.82 14.12 -15.64
C LEU A 586 -21.62 15.04 -14.73
N TYR A 587 -21.94 16.24 -15.19
CA TYR A 587 -22.69 17.22 -14.40
C TYR A 587 -23.81 16.57 -13.58
N HIS A 588 -24.63 15.75 -14.23
CA HIS A 588 -25.73 15.08 -13.56
C HIS A 588 -25.22 13.94 -12.69
N ALA A 589 -24.42 13.05 -13.29
CA ALA A 589 -23.80 11.94 -12.57
C ALA A 589 -23.17 12.39 -11.25
N ILE A 590 -22.36 13.44 -11.33
CA ILE A 590 -21.68 13.98 -10.15
C ILE A 590 -22.70 14.41 -9.10
N LYS A 591 -23.81 14.99 -9.57
CA LYS A 591 -24.89 15.42 -8.68
C LYS A 591 -25.54 14.22 -7.98
N SER A 592 -25.67 13.11 -8.71
CA SER A 592 -26.26 11.89 -8.15
C SER A 592 -25.32 11.16 -7.18
N GLY A 593 -24.01 11.37 -7.35
CA GLY A 593 -23.03 10.83 -6.41
C GLY A 593 -21.82 10.14 -7.00
N MET A 594 -21.52 10.42 -8.27
CA MET A 594 -20.38 9.82 -8.93
C MET A 594 -19.11 10.47 -8.40
N ASP A 595 -18.27 9.66 -7.78
CA ASP A 595 -17.09 10.14 -7.06
C ASP A 595 -15.85 10.26 -7.95
N MET A 596 -15.82 9.46 -9.02
CA MET A 596 -14.63 9.31 -9.84
C MET A 596 -15.00 8.63 -11.14
N GLY A 597 -14.06 8.59 -12.08
CA GLY A 597 -14.29 7.92 -13.34
C GLY A 597 -13.01 7.72 -14.12
N ILE A 598 -13.06 6.82 -15.09
CA ILE A 598 -11.93 6.62 -15.98
C ILE A 598 -12.20 7.48 -17.20
N VAL A 599 -11.45 8.58 -17.30
CA VAL A 599 -11.77 9.64 -18.25
C VAL A 599 -10.54 10.11 -18.99
N ASN A 600 -10.77 10.91 -20.03
CA ASN A 600 -9.68 11.56 -20.75
C ASN A 600 -9.43 12.90 -20.10
N ALA A 601 -8.47 12.93 -19.18
CA ALA A 601 -8.34 13.99 -18.16
C ALA A 601 -8.19 15.40 -18.72
N GLY A 602 -7.50 15.55 -19.84
CA GLY A 602 -7.37 16.87 -20.46
C GLY A 602 -8.63 17.39 -21.09
N ASN A 603 -9.47 16.48 -21.55
CA ASN A 603 -10.52 16.81 -22.49
C ASN A 603 -11.91 16.64 -21.89
N LEU A 604 -12.15 17.33 -20.78
CA LEU A 604 -13.46 17.36 -20.13
C LEU A 604 -13.91 18.79 -19.90
N PRO A 605 -14.67 19.35 -20.86
CA PRO A 605 -15.19 20.72 -20.78
C PRO A 605 -15.95 21.01 -19.48
N VAL A 606 -15.98 22.28 -19.09
CA VAL A 606 -16.78 22.73 -17.96
C VAL A 606 -18.24 22.86 -18.40
N TYR A 607 -19.14 22.33 -17.58
CA TYR A 607 -20.57 22.29 -17.90
C TYR A 607 -21.15 23.67 -18.27
N ASP A 608 -20.75 24.72 -17.55
CA ASP A 608 -21.24 26.07 -17.81
C ASP A 608 -20.71 26.73 -19.09
N ASP A 609 -19.54 26.29 -19.56
CA ASP A 609 -18.91 26.86 -20.76
C ASP A 609 -19.16 26.04 -22.05
N ILE A 610 -20.06 25.06 -21.97
CA ILE A 610 -20.45 24.28 -23.16
C ILE A 610 -21.61 24.98 -23.87
N HIS A 611 -21.50 25.14 -25.19
CA HIS A 611 -22.53 25.85 -25.98
C HIS A 611 -23.94 25.36 -25.67
N LYS A 612 -24.85 26.31 -25.45
CA LYS A 612 -26.20 26.01 -24.93
C LYS A 612 -27.06 25.15 -25.85
N GLU A 613 -26.81 25.19 -27.16
CA GLU A 613 -27.53 24.35 -28.11
C GLU A 613 -27.08 22.90 -28.00
N LEU A 614 -25.76 22.69 -28.05
CA LEU A 614 -25.17 21.37 -27.97
C LEU A 614 -25.43 20.72 -26.62
N LEU A 615 -25.30 21.51 -25.56
CA LEU A 615 -25.58 21.07 -24.19
C LEU A 615 -27.00 20.52 -24.09
N GLN A 616 -27.96 21.32 -24.53
CA GLN A 616 -29.37 20.95 -24.48
C GLN A 616 -29.67 19.72 -25.34
N LEU A 617 -28.93 19.57 -26.44
CA LEU A 617 -29.11 18.41 -27.33
C LEU A 617 -28.66 17.14 -26.65
N CYS A 618 -27.45 17.16 -26.09
CA CYS A 618 -26.92 16.03 -25.34
C CYS A 618 -27.77 15.72 -24.12
N GLU A 619 -28.20 16.77 -23.41
CA GLU A 619 -29.10 16.60 -22.27
C GLU A 619 -30.33 15.77 -22.65
N ASP A 620 -30.83 15.97 -23.88
CA ASP A 620 -31.98 15.21 -24.38
C ASP A 620 -31.63 13.75 -24.71
N LEU A 621 -30.42 13.52 -25.20
CA LEU A 621 -29.96 12.16 -25.54
C LEU A 621 -29.72 11.30 -24.29
N ILE A 622 -29.03 11.87 -23.30
CA ILE A 622 -28.74 11.16 -22.06
C ILE A 622 -30.04 10.82 -21.30
N TRP A 623 -31.00 11.75 -21.32
CA TRP A 623 -32.27 11.56 -20.60
C TRP A 623 -33.42 11.08 -21.50
N ASN A 624 -33.10 10.66 -22.72
CA ASN A 624 -34.08 10.11 -23.66
C ASN A 624 -35.43 10.84 -23.64
N LYS A 625 -35.38 12.17 -23.53
CA LYS A 625 -36.58 12.99 -23.46
C LYS A 625 -37.13 13.19 -24.87
N ASP A 626 -36.25 13.39 -25.84
CA ASP A 626 -36.61 13.46 -27.24
C ASP A 626 -36.54 12.07 -27.85
N PRO A 627 -37.61 11.62 -28.55
CA PRO A 627 -37.60 10.29 -29.14
C PRO A 627 -36.61 10.16 -30.29
N GLU A 628 -36.48 11.22 -31.09
CA GLU A 628 -35.46 11.30 -32.12
C GLU A 628 -34.31 12.17 -31.60
N ALA A 629 -33.67 11.69 -30.55
CA ALA A 629 -32.51 12.38 -29.96
C ALA A 629 -31.22 12.02 -30.68
N THR A 630 -31.17 10.81 -31.23
CA THR A 630 -29.99 10.32 -31.94
C THR A 630 -29.69 11.21 -33.15
N GLU A 631 -30.60 11.22 -34.10
CA GLU A 631 -30.41 11.92 -35.38
C GLU A 631 -30.13 13.41 -35.18
N LYS A 632 -30.86 14.02 -34.25
CA LYS A 632 -30.69 15.44 -33.91
C LYS A 632 -29.29 15.77 -33.39
N LEU A 633 -28.64 14.80 -32.74
CA LEU A 633 -27.27 14.99 -32.27
C LEU A 633 -26.28 14.87 -33.42
N LEU A 634 -26.45 13.84 -34.25
CA LEU A 634 -25.58 13.65 -35.43
C LEU A 634 -25.84 14.74 -36.46
N ARG A 635 -27.05 15.29 -36.45
CA ARG A 635 -27.40 16.43 -37.29
C ARG A 635 -26.56 17.66 -36.90
N TYR A 636 -26.29 17.82 -35.60
CA TYR A 636 -25.55 18.98 -35.08
C TYR A 636 -24.15 19.20 -35.68
N ALA A 637 -23.74 18.29 -36.56
CA ALA A 637 -22.65 18.53 -37.51
C ALA A 637 -23.15 18.15 -38.92
N GLN A 638 -22.99 18.97 -39.97
CA GLN A 638 -22.21 20.23 -40.03
C GLN A 638 -21.08 20.42 -39.01
#